data_4WMR
#
_entry.id   4WMR
#
_cell.length_a   72.770
_cell.length_b   38.410
_cell.length_c   48.330
_cell.angle_alpha   90.000
_cell.angle_beta   102.600
_cell.angle_gamma   90.000
#
_symmetry.space_group_name_H-M   'C 1 2 1'
#
loop_
_entity.id
_entity.type
_entity.pdbx_description
1 polymer 'Induced myeloid leukemia cell differentiation protein Mcl-1'
2 non-polymer 'ZINC ION'
3 non-polymer '7-[2-(1H-imidazol-1-yl)-4-methylpyridin-3-yl]-3-[3-(naphthalen-1-yloxy)propyl]-1-[2-oxo-2-(piperazin-1-yl)ethyl]-1H-indole-2-carboxylic acid'
4 non-polymer 'PYROPHOSPHATE 2-'
5 water water
#
_entity_poly.entity_id   1
_entity_poly.type   'polypeptide(L)'
_entity_poly.pdbx_seq_one_letter_code
;SELYRQSLEIISRYLREQATGAKDTKPMGRSGATSRKALETLRRVGDGVQRNHETAFQGMLRKLDIKNEDDVKSLSRVMI
HVFSDGVTNWGRIVTLISFGAFVAKHLKTINQESCIEPLAESITDVLVRTKRDWLVKQRGWDGFVEFFHV
;
_entity_poly.pdbx_strand_id   A
#
loop_
_chem_comp.id
_chem_comp.type
_chem_comp.name
_chem_comp.formula
865 non-polymer '7-[2-(1H-imidazol-1-yl)-4-methylpyridin-3-yl]-3-[3-(naphthalen-1-yloxy)propyl]-1-[2-oxo-2-(piperazin-1-yl)ethyl]-1H-indole-2-carboxylic acid' 'C37 H36 N6 O4'
POP non-polymer 'PYROPHOSPHATE 2-' 'H2 O7 P2 -2'
ZN non-polymer 'ZINC ION' 'Zn 2'
#
# COMPACT_ATOMS: atom_id res chain seq x y z
N SER A 1 0.83 -8.93 16.02
CA SER A 1 0.44 -7.77 16.86
C SER A 1 -0.76 -7.09 16.24
N GLU A 2 -1.33 -6.16 17.00
CA GLU A 2 -2.38 -5.36 16.43
C GLU A 2 -1.81 -4.45 15.35
N LEU A 3 -0.56 -3.98 15.47
CA LEU A 3 0.02 -3.13 14.40
C LEU A 3 0.01 -3.86 13.06
N TYR A 4 0.47 -5.12 13.04
CA TYR A 4 0.47 -5.86 11.78
C TYR A 4 -0.94 -6.03 11.25
N ARG A 5 -1.84 -6.49 12.12
CA ARG A 5 -3.20 -6.80 11.69
C ARG A 5 -3.94 -5.54 11.26
N GLN A 6 -3.76 -4.45 11.99
CA GLN A 6 -4.36 -3.16 11.61
C GLN A 6 -3.85 -2.70 10.25
N SER A 7 -2.53 -2.79 10.07
CA SER A 7 -1.87 -2.36 8.83
C SER A 7 -2.38 -3.18 7.65
N LEU A 8 -2.47 -4.50 7.84
CA LEU A 8 -2.96 -5.37 6.78
C LEU A 8 -4.39 -5.00 6.38
N GLU A 9 -5.24 -4.73 7.36
CA GLU A 9 -6.63 -4.39 7.06
C GLU A 9 -6.72 -3.10 6.24
N ILE A 10 -6.01 -2.07 6.68
CA ILE A 10 -6.01 -0.78 5.98
C ILE A 10 -5.49 -0.93 4.54
N ILE A 11 -4.33 -1.56 4.41
CA ILE A 11 -3.67 -1.68 3.11
C ILE A 11 -4.46 -2.59 2.16
N SER A 12 -4.96 -3.70 2.67
CA SER A 12 -5.78 -4.61 1.86
CA SER A 12 -5.77 -4.61 1.86
C SER A 12 -7.06 -3.94 1.40
N ARG A 13 -7.74 -3.24 2.32
CA ARG A 13 -8.96 -2.53 1.94
C ARG A 13 -8.67 -1.47 0.87
N TYR A 14 -7.58 -0.74 1.03
CA TYR A 14 -7.24 0.31 0.05
C TYR A 14 -6.97 -0.31 -1.33
N LEU A 15 -6.19 -1.37 -1.37
CA LEU A 15 -5.84 -1.99 -2.66
C LEU A 15 -7.09 -2.56 -3.35
N ARG A 16 -7.94 -3.22 -2.58
CA ARG A 16 -9.16 -3.79 -3.13
C ARG A 16 -10.10 -2.73 -3.68
N GLU A 17 -10.28 -1.66 -2.92
CA GLU A 17 -11.18 -0.59 -3.36
C GLU A 17 -10.64 0.11 -4.61
N GLN A 18 -9.32 0.32 -4.63
CA GLN A 18 -8.68 0.93 -5.79
C GLN A 18 -8.86 0.07 -7.02
N ALA A 19 -8.64 -1.25 -6.85
CA ALA A 19 -8.72 -2.18 -7.95
C ALA A 19 -10.14 -2.37 -8.48
N THR A 20 -11.11 -2.42 -7.59
CA THR A 20 -12.49 -2.75 -7.95
C THR A 20 -13.39 -1.53 -8.10
N GLY A 21 -13.04 -0.46 -7.40
CA GLY A 21 -13.90 0.73 -7.31
C GLY A 21 -15.01 0.61 -6.27
N ALA A 22 -15.11 -0.56 -5.62
CA ALA A 22 -16.17 -0.80 -4.63
C ALA A 22 -15.69 -0.48 -3.22
N LYS A 23 -16.59 0.07 -2.39
CA LYS A 23 -16.27 0.38 -0.99
C LYS A 23 -16.77 -0.76 -0.09
N ASP A 24 -15.93 -1.14 0.88
CA ASP A 24 -16.27 -2.21 1.83
C ASP A 24 -17.03 -1.59 3.00
N THR A 25 -18.21 -2.12 3.31
CA THR A 25 -19.04 -1.60 4.42
C THR A 25 -18.86 -2.34 5.74
N LYS A 26 -18.24 -3.51 5.72
CA LYS A 26 -17.99 -4.26 6.94
C LYS A 26 -17.16 -3.39 7.89
N PRO A 27 -17.52 -3.35 9.19
CA PRO A 27 -16.75 -2.49 10.10
C PRO A 27 -15.27 -2.85 10.16
N MET A 28 -14.44 -1.84 10.40
CA MET A 28 -13.00 -2.05 10.58
C MET A 28 -12.74 -2.90 11.81
N GLY A 29 -13.41 -2.57 12.91
CA GLY A 29 -13.32 -3.34 14.15
C GLY A 29 -12.76 -2.54 15.30
N ARG A 30 -11.51 -2.84 15.67
CA ARG A 30 -10.91 -2.30 16.90
C ARG A 30 -10.66 -0.80 16.82
N SER A 31 -9.67 -0.39 16.03
CA SER A 31 -9.33 1.03 15.88
C SER A 31 -10.19 1.66 14.77
N GLY A 32 -11.51 1.54 14.92
CA GLY A 32 -12.46 1.87 13.86
C GLY A 32 -12.30 3.25 13.26
N ALA A 33 -12.46 4.28 14.09
CA ALA A 33 -12.35 5.66 13.63
C ALA A 33 -10.98 5.93 13.02
N THR A 34 -9.93 5.44 13.68
CA THR A 34 -8.56 5.63 13.20
C THR A 34 -8.28 4.88 11.91
N SER A 35 -8.66 3.60 11.86
CA SER A 35 -8.51 2.81 10.63
C SER A 35 -9.29 3.43 9.48
N ARG A 36 -10.54 3.84 9.74
CA ARG A 36 -11.35 4.50 8.71
C ARG A 36 -10.70 5.78 8.24
N LYS A 37 -10.16 6.56 9.18
CA LYS A 37 -9.48 7.80 8.84
C LYS A 37 -8.19 7.53 8.04
N ALA A 38 -7.47 6.48 8.41
CA ALA A 38 -6.25 6.09 7.69
C ALA A 38 -6.56 5.71 6.25
N LEU A 39 -7.64 4.96 6.06
CA LEU A 39 -8.08 4.59 4.72
C LEU A 39 -8.49 5.81 3.92
N GLU A 40 -9.24 6.73 4.54
CA GLU A 40 -9.63 7.96 3.87
C GLU A 40 -8.39 8.80 3.50
N THR A 41 -7.41 8.83 4.39
CA THR A 41 -6.14 9.51 4.14
C THR A 41 -5.45 8.91 2.91
N LEU A 42 -5.39 7.58 2.84
CA LEU A 42 -4.82 6.93 1.65
C LEU A 42 -5.59 7.27 0.38
N ARG A 43 -6.92 7.35 0.48
CA ARG A 43 -7.71 7.72 -0.70
C ARG A 43 -7.27 9.08 -1.23
N ARG A 44 -7.18 10.06 -0.33
CA ARG A 44 -6.92 11.44 -0.75
C ARG A 44 -5.45 11.67 -1.10
N VAL A 45 -4.55 11.28 -0.21
CA VAL A 45 -3.11 11.52 -0.42
C VAL A 45 -2.57 10.59 -1.49
N GLY A 46 -3.04 9.35 -1.50
CA GLY A 46 -2.66 8.37 -2.50
C GLY A 46 -3.12 8.73 -3.91
N ASP A 47 -4.30 9.33 -4.04
CA ASP A 47 -4.73 9.81 -5.36
C ASP A 47 -3.77 10.86 -5.87
N GLY A 48 -3.40 11.78 -4.99
CA GLY A 48 -2.43 12.82 -5.31
C GLY A 48 -1.11 12.23 -5.78
N VAL A 49 -0.61 11.24 -5.05
CA VAL A 49 0.67 10.62 -5.41
C VAL A 49 0.59 9.95 -6.78
N GLN A 50 -0.45 9.16 -7.01
CA GLN A 50 -0.65 8.46 -8.27
CA GLN A 50 -0.64 8.48 -8.27
C GLN A 50 -0.74 9.45 -9.44
N ARG A 51 -1.40 10.58 -9.21
CA ARG A 51 -1.59 11.57 -10.25
C ARG A 51 -0.29 12.35 -10.49
N ASN A 52 0.33 12.83 -9.42
CA ASN A 52 1.50 13.70 -9.52
C ASN A 52 2.78 12.96 -9.88
N HIS A 53 2.78 11.66 -9.68
CA HIS A 53 3.92 10.82 -10.04
C HIS A 53 3.51 9.77 -11.07
N GLU A 54 2.51 10.09 -11.90
CA GLU A 54 1.98 9.12 -12.86
CA GLU A 54 2.00 9.11 -12.85
C GLU A 54 3.04 8.65 -13.86
N THR A 55 3.89 9.58 -14.29
CA THR A 55 4.94 9.23 -15.25
C THR A 55 5.82 8.12 -14.69
N ALA A 56 6.33 8.30 -13.48
CA ALA A 56 7.16 7.27 -12.83
C ALA A 56 6.38 5.99 -12.57
N PHE A 57 5.13 6.12 -12.12
CA PHE A 57 4.32 4.94 -11.84
C PHE A 57 4.06 4.11 -13.11
N GLN A 58 3.66 4.77 -14.20
CA GLN A 58 3.48 4.09 -15.48
C GLN A 58 4.77 3.43 -15.95
N GLY A 59 5.90 4.12 -15.78
CA GLY A 59 7.19 3.56 -16.21
C GLY A 59 7.59 2.34 -15.39
N MET A 60 7.34 2.42 -14.09
CA MET A 60 7.69 1.32 -13.17
C MET A 60 6.83 0.10 -13.48
N LEU A 61 5.54 0.33 -13.72
CA LEU A 61 4.64 -0.76 -14.03
C LEU A 61 5.10 -1.48 -15.30
N ARG A 62 5.47 -0.70 -16.32
CA ARG A 62 6.04 -1.26 -17.55
C ARG A 62 7.28 -2.12 -17.28
N LYS A 63 8.17 -1.63 -16.40
CA LYS A 63 9.39 -2.36 -16.04
C LYS A 63 9.09 -3.70 -15.39
N LEU A 64 8.11 -3.73 -14.51
CA LEU A 64 7.74 -4.95 -13.79
C LEU A 64 7.10 -5.98 -14.72
N ASP A 65 6.52 -5.49 -15.82
CA ASP A 65 6.00 -6.34 -16.91
C ASP A 65 5.20 -7.54 -16.39
N ILE A 66 4.14 -7.24 -15.65
CA ILE A 66 3.39 -8.26 -14.93
C ILE A 66 2.39 -8.95 -15.86
N LYS A 67 2.62 -10.23 -16.11
CA LYS A 67 1.72 -11.06 -16.92
C LYS A 67 0.97 -12.10 -16.10
N ASN A 68 1.60 -12.62 -15.04
CA ASN A 68 1.05 -13.74 -14.26
C ASN A 68 1.46 -13.69 -12.79
N GLU A 69 0.99 -14.67 -12.01
CA GLU A 69 1.33 -14.76 -10.59
C GLU A 69 2.83 -14.85 -10.33
N ASP A 70 3.58 -15.48 -11.24
CA ASP A 70 5.03 -15.61 -11.09
C ASP A 70 5.75 -14.25 -11.13
N ASP A 71 5.25 -13.35 -11.96
CA ASP A 71 5.77 -11.98 -12.05
C ASP A 71 5.43 -11.18 -10.80
N VAL A 72 4.33 -11.52 -10.15
CA VAL A 72 3.91 -10.86 -8.90
C VAL A 72 4.83 -11.27 -7.76
N LYS A 73 5.29 -12.51 -7.79
CA LYS A 73 6.30 -12.98 -6.84
C LYS A 73 7.63 -12.25 -7.03
N SER A 74 8.01 -12.01 -8.28
CA SER A 74 9.29 -11.39 -8.59
CA SER A 74 9.29 -11.38 -8.60
C SER A 74 9.36 -9.91 -8.20
N LEU A 75 8.21 -9.23 -8.17
CA LEU A 75 8.20 -7.79 -7.83
C LEU A 75 8.41 -7.56 -6.32
N SER A 76 8.19 -8.60 -5.50
CA SER A 76 8.45 -8.52 -4.07
CA SER A 76 8.45 -8.48 -4.07
C SER A 76 9.94 -8.25 -3.78
N ARG A 77 10.82 -8.82 -4.59
CA ARG A 77 12.26 -8.58 -4.44
C ARG A 77 12.58 -7.10 -4.72
N VAL A 78 11.95 -6.56 -5.74
CA VAL A 78 12.16 -5.17 -6.13
C VAL A 78 11.58 -4.24 -5.06
N MET A 79 10.37 -4.56 -4.59
CA MET A 79 9.69 -3.78 -3.55
C MET A 79 10.55 -3.68 -2.29
N ILE A 80 11.06 -4.80 -1.80
CA ILE A 80 11.79 -4.77 -0.53
C ILE A 80 13.11 -4.01 -0.71
N HIS A 81 13.71 -4.13 -1.88
CA HIS A 81 14.93 -3.38 -2.18
C HIS A 81 14.71 -1.86 -2.19
N VAL A 82 13.82 -1.41 -3.06
CA VAL A 82 13.60 0.02 -3.27
C VAL A 82 13.12 0.69 -1.98
N PHE A 83 12.23 0.01 -1.25
CA PHE A 83 11.67 0.59 -0.05
C PHE A 83 12.70 0.65 1.08
N SER A 84 13.52 -0.40 1.21
CA SER A 84 14.52 -0.47 2.27
CA SER A 84 14.51 -0.46 2.28
C SER A 84 15.67 0.51 2.08
N ASP A 85 15.96 0.88 0.83
CA ASP A 85 17.01 1.84 0.56
C ASP A 85 16.64 3.20 1.15
N GLY A 86 17.59 3.82 1.83
CA GLY A 86 17.43 5.20 2.32
C GLY A 86 16.59 5.35 3.57
N VAL A 87 16.20 6.59 3.84
CA VAL A 87 15.50 6.95 5.07
C VAL A 87 13.99 6.87 4.86
N THR A 88 13.27 6.21 5.76
CA THR A 88 11.82 6.15 5.63
C THR A 88 11.14 7.36 6.24
N ASN A 89 9.94 7.61 5.75
CA ASN A 89 9.03 8.60 6.29
C ASN A 89 7.64 8.33 5.71
N TRP A 90 6.64 9.06 6.18
CA TRP A 90 5.26 8.80 5.73
C TRP A 90 5.09 9.00 4.22
N GLY A 91 5.81 9.94 3.65
CA GLY A 91 5.75 10.15 2.20
C GLY A 91 6.14 8.91 1.42
N ARG A 92 7.21 8.25 1.86
CA ARG A 92 7.66 7.05 1.17
C ARG A 92 6.76 5.87 1.42
N ILE A 93 6.14 5.82 2.60
CA ILE A 93 5.15 4.81 2.93
C ILE A 93 3.90 4.99 2.07
N VAL A 94 3.47 6.22 1.84
CA VAL A 94 2.37 6.46 0.93
C VAL A 94 2.75 6.05 -0.49
N THR A 95 3.99 6.32 -0.91
CA THR A 95 4.43 5.91 -2.26
C THR A 95 4.36 4.38 -2.40
N LEU A 96 4.86 3.67 -1.38
CA LEU A 96 4.77 2.22 -1.32
C LEU A 96 3.33 1.73 -1.51
N ILE A 97 2.43 2.26 -0.70
CA ILE A 97 1.07 1.76 -0.69
C ILE A 97 0.29 2.21 -1.95
N SER A 98 0.48 3.46 -2.37
CA SER A 98 -0.17 4.02 -3.56
CA SER A 98 -0.23 3.97 -3.53
C SER A 98 0.27 3.30 -4.82
N PHE A 99 1.57 2.97 -4.88
CA PHE A 99 2.03 2.17 -6.00
C PHE A 99 1.43 0.78 -5.96
N GLY A 100 1.31 0.20 -4.77
CA GLY A 100 0.57 -1.06 -4.58
C GLY A 100 -0.81 -0.99 -5.20
N ALA A 101 -1.53 0.11 -4.95
CA ALA A 101 -2.88 0.29 -5.50
C ALA A 101 -2.83 0.37 -7.03
N PHE A 102 -1.82 1.07 -7.54
CA PHE A 102 -1.61 1.21 -8.98
C PHE A 102 -1.37 -0.16 -9.63
N VAL A 103 -0.55 -0.97 -8.98
CA VAL A 103 -0.34 -2.35 -9.42
C VAL A 103 -1.63 -3.15 -9.32
N ALA A 104 -2.36 -2.98 -8.21
CA ALA A 104 -3.62 -3.74 -8.02
C ALA A 104 -4.63 -3.43 -9.12
N LYS A 105 -4.71 -2.16 -9.53
CA LYS A 105 -5.55 -1.76 -10.66
C LYS A 105 -5.13 -2.49 -11.94
N HIS A 106 -3.83 -2.58 -12.16
CA HIS A 106 -3.32 -3.33 -13.30
C HIS A 106 -3.74 -4.80 -13.23
N LEU A 107 -3.62 -5.41 -12.05
CA LEU A 107 -4.01 -6.80 -11.88
C LEU A 107 -5.49 -7.01 -12.19
N LYS A 108 -6.34 -6.04 -11.84
CA LYS A 108 -7.75 -6.11 -12.22
C LYS A 108 -7.88 -6.07 -13.74
N THR A 109 -7.16 -5.13 -14.36
CA THR A 109 -7.22 -4.94 -15.80
C THR A 109 -6.82 -6.18 -16.58
N ILE A 110 -5.79 -6.90 -16.13
CA ILE A 110 -5.36 -8.12 -16.82
C ILE A 110 -6.05 -9.40 -16.34
N ASN A 111 -7.06 -9.24 -15.47
CA ASN A 111 -7.86 -10.36 -14.98
C ASN A 111 -6.98 -11.36 -14.21
N GLN A 112 -6.08 -10.85 -13.37
CA GLN A 112 -5.35 -11.67 -12.41
C GLN A 112 -5.58 -11.12 -11.00
N GLU A 113 -6.85 -10.85 -10.68
CA GLU A 113 -7.26 -10.15 -9.43
C GLU A 113 -6.89 -10.93 -8.17
N SER A 114 -6.79 -12.25 -8.28
CA SER A 114 -6.51 -13.10 -7.13
C SER A 114 -5.14 -12.76 -6.52
N CYS A 115 -4.28 -12.10 -7.29
CA CYS A 115 -2.97 -11.71 -6.79
C CYS A 115 -3.00 -10.47 -5.89
N ILE A 116 -4.14 -9.78 -5.83
CA ILE A 116 -4.23 -8.53 -5.08
C ILE A 116 -4.04 -8.77 -3.59
N GLU A 117 -4.69 -9.81 -3.07
CA GLU A 117 -4.55 -10.11 -1.64
C GLU A 117 -3.12 -10.46 -1.25
N PRO A 118 -2.45 -11.40 -1.97
CA PRO A 118 -1.05 -11.63 -1.66
C PRO A 118 -0.17 -10.39 -1.80
N LEU A 119 -0.46 -9.53 -2.77
CA LEU A 119 0.32 -8.31 -2.93
C LEU A 119 0.18 -7.43 -1.67
N ALA A 120 -1.03 -7.30 -1.15
CA ALA A 120 -1.27 -6.48 0.04
C ALA A 120 -0.52 -7.06 1.23
N GLU A 121 -0.51 -8.38 1.34
CA GLU A 121 0.25 -9.10 2.37
C GLU A 121 1.75 -8.80 2.25
N SER A 122 2.27 -8.83 1.02
CA SER A 122 3.69 -8.57 0.77
CA SER A 122 3.69 -8.58 0.79
C SER A 122 4.07 -7.15 1.20
N ILE A 123 3.25 -6.18 0.80
CA ILE A 123 3.46 -4.77 1.18
C ILE A 123 3.44 -4.61 2.69
N THR A 124 2.44 -5.20 3.34
CA THR A 124 2.32 -5.15 4.79
C THR A 124 3.52 -5.80 5.47
N ASP A 125 3.94 -6.97 4.97
CA ASP A 125 5.14 -7.64 5.48
C ASP A 125 6.35 -6.70 5.45
N VAL A 126 6.60 -6.08 4.31
CA VAL A 126 7.79 -5.22 4.16
C VAL A 126 7.67 -3.99 5.05
N LEU A 127 6.50 -3.36 5.09
CA LEU A 127 6.31 -2.16 5.89
C LEU A 127 6.47 -2.44 7.38
N VAL A 128 5.70 -3.41 7.88
CA VAL A 128 5.61 -3.61 9.32
C VAL A 128 6.82 -4.35 9.88
N ARG A 129 7.30 -5.35 9.16
CA ARG A 129 8.40 -6.15 9.69
C ARG A 129 9.72 -5.41 9.60
N THR A 130 9.92 -4.60 8.58
CA THR A 130 11.21 -3.91 8.39
C THR A 130 11.29 -2.51 9.01
N LYS A 131 10.15 -1.82 9.15
CA LYS A 131 10.13 -0.47 9.71
C LYS A 131 9.36 -0.36 11.02
N ARG A 132 9.24 -1.47 11.75
CA ARG A 132 8.48 -1.49 13.00
C ARG A 132 8.94 -0.38 13.96
N ASP A 133 10.24 -0.22 14.12
CA ASP A 133 10.76 0.74 15.09
C ASP A 133 10.34 2.17 14.73
N TRP A 134 10.50 2.52 13.45
CA TRP A 134 10.11 3.86 12.98
C TRP A 134 8.61 4.07 13.15
N LEU A 135 7.81 3.08 12.77
CA LEU A 135 6.35 3.18 12.86
C LEU A 135 5.92 3.41 14.31
N VAL A 136 6.48 2.62 15.21
CA VAL A 136 6.13 2.74 16.63
C VAL A 136 6.53 4.11 17.17
N LYS A 137 7.74 4.54 16.85
CA LYS A 137 8.25 5.84 17.30
C LYS A 137 7.40 7.00 16.79
N GLN A 138 6.86 6.85 15.59
CA GLN A 138 6.06 7.88 14.94
CA GLN A 138 6.05 7.88 14.93
C GLN A 138 4.55 7.70 15.19
N ARG A 139 4.22 6.86 16.18
CA ARG A 139 2.86 6.70 16.68
C ARG A 139 1.90 5.95 15.74
N GLY A 140 2.46 5.10 14.89
CA GLY A 140 1.70 4.21 14.02
C GLY A 140 0.65 4.94 13.20
N TRP A 141 -0.50 4.30 13.02
CA TRP A 141 -1.57 4.84 12.21
C TRP A 141 -2.21 6.10 12.76
N ASP A 142 -2.21 6.28 14.09
CA ASP A 142 -2.61 7.57 14.70
C ASP A 142 -1.71 8.70 14.20
N GLY A 143 -0.40 8.42 14.17
CA GLY A 143 0.60 9.36 13.70
C GLY A 143 0.42 9.68 12.22
N PHE A 144 0.17 8.64 11.43
CA PHE A 144 -0.09 8.77 9.99
C PHE A 144 -1.28 9.70 9.75
N VAL A 145 -2.38 9.44 10.44
CA VAL A 145 -3.60 10.23 10.29
C VAL A 145 -3.35 11.69 10.70
N GLU A 146 -2.63 11.89 11.80
CA GLU A 146 -2.35 13.26 12.28
C GLU A 146 -1.38 14.00 11.35
N PHE A 147 -0.42 13.28 10.79
CA PHE A 147 0.58 13.88 9.91
C PHE A 147 -0.07 14.55 8.70
N PHE A 148 -1.03 13.86 8.08
CA PHE A 148 -1.72 14.39 6.88
C PHE A 148 -2.98 15.19 7.19
N HIS A 149 -3.62 14.89 8.33
CA HIS A 149 -4.85 15.57 8.80
C HIS A 149 -5.84 15.95 7.68
N VAL A 150 -6.24 14.97 6.89
CA VAL A 150 -7.18 15.19 5.78
C VAL A 150 -8.58 15.52 6.30
ZN ZN B . 7.93 11.00 -8.31
ZN ZN C . 19.80 -0.34 -3.51
ZN ZN D . 11.99 12.40 -9.82
C01 865 E . 11.84 2.88 -8.62
C02 865 E . 11.53 4.30 -9.00
C03 865 E . 12.40 4.92 -9.87
C04 865 E . 12.16 6.23 -10.25
N05 865 E . 11.08 6.86 -9.78
C06 865 E . 10.18 6.30 -8.93
C07 865 E . 10.43 4.99 -8.50
C08 865 E . 9.47 4.27 -7.60
C09 865 E . 8.46 3.59 -8.27
C10 865 E . 7.48 2.86 -7.59
C11 865 E . 7.48 2.82 -6.20
C12 865 E . 8.48 3.50 -5.54
C13 865 E . 8.74 3.61 -4.10
C14 865 E . 7.97 2.99 -2.97
C15 865 E . 8.70 1.72 -2.48
C16 865 E . 8.89 0.65 -3.55
O17 865 E . 7.63 0.12 -3.94
C18 865 E . 7.50 -0.88 -4.86
C19 865 E . 8.57 -1.23 -5.70
C20 865 E . 8.40 -2.27 -6.61
C21 865 E . 7.18 -2.95 -6.70
C22 865 E . 6.13 -2.57 -5.86
C23 865 E . 4.91 -3.24 -5.93
C24 865 E . 3.85 -2.87 -5.10
C25 865 E . 4.02 -1.84 -4.19
C26 865 E . 5.24 -1.17 -4.10
C27 865 E . 6.29 -1.53 -4.94
C28 865 E . 9.94 4.44 -4.06
C29 865 E . 10.52 4.85 -2.76
O30 865 E . 10.94 6.02 -2.69
O31 865 E . 10.52 4.10 -1.76
N32 865 E . 10.32 4.78 -5.31
C33 865 E . 11.51 5.57 -5.59
C34 865 E . 11.26 7.02 -5.80
O35 865 E . 10.15 7.49 -5.61
N36 865 E . 12.33 7.73 -6.18
C37 865 E . 13.71 7.30 -5.91
C38 865 E . 14.51 7.58 -7.18
N39 865 E . 14.53 9.00 -7.40
C40 865 E . 13.40 9.81 -7.00
C41 865 E . 12.11 8.99 -6.91
C42 865 E . 9.47 4.22 -6.20
N43 865 E . 9.20 7.15 -8.56
C44 865 E . 8.07 6.84 -7.92
C45 865 E . 7.40 8.05 -7.74
N46 865 E . 8.18 9.02 -8.27
C47 865 E . 9.31 8.47 -8.78
P1 POP F . 9.06 13.05 -10.20
O1 POP F . 8.39 14.20 -10.92
O2 POP F . 8.12 11.89 -9.97
O3 POP F . 10.42 12.69 -10.75
O POP F . 9.38 13.71 -8.77
P2 POP F . 10.08 12.97 -7.52
O4 POP F . 9.95 14.02 -6.45
O5 POP F . 9.25 11.73 -7.26
O6 POP F . 11.51 12.66 -7.90
P1 POP G . 22.00 -0.52 -5.87
O1 POP G . 22.88 0.12 -6.91
O2 POP G . 20.91 0.41 -5.36
O3 POP G . 21.54 -1.91 -6.23
O POP G . 22.96 -0.73 -4.60
P2 POP G . 22.52 -1.45 -3.23
O4 POP G . 21.17 -0.89 -2.87
O5 POP G . 23.59 -1.03 -2.25
O6 POP G . 22.51 -2.92 -3.57
#